data_4L3N
#
_entry.id   4L3N
#
_cell.length_a   45.361
_cell.length_b   108.065
_cell.length_c   124.287
_cell.angle_alpha   90.00
_cell.angle_beta   90.00
_cell.angle_gamma   90.00
#
_symmetry.space_group_name_H-M   'P 21 21 21'
#
loop_
_entity.id
_entity.type
_entity.pdbx_description
1 polymer 'S protein'
2 branched 2-acetamido-2-deoxy-beta-D-glucopyranose-(1-4)-2-acetamido-2-deoxy-beta-D-glucopyranose
3 non-polymer 1,2-ETHANEDIOL
4 water water
#
_entity_poly.entity_id   1
_entity_poly.type   'polypeptide(L)'
_entity_poly.pdbx_seq_one_letter_code
;EGVECDFSPLLSGTPPQVYNFKRLVFTNCNYNLTKLLSLFSVNDFTCSQISPAAIASNCYSSLILDYFSYPLSMKSDLSV
SSAGPISQFNYKQSFSNPTCLILATVPHNLTTITKPLKYSYINKCSRLLSDDRTEVPQLVNANQYSPCVSIVPSTVWEDG
DYYRKQLSPLEGGGWLVASGSTVAMTEQLQMGFGITVQYGTDTNSVCPKLHHHHHH
;
_entity_poly.pdbx_strand_id   A,B
#
loop_
_chem_comp.id
_chem_comp.type
_chem_comp.name
_chem_comp.formula
EDO non-polymer 1,2-ETHANEDIOL 'C2 H6 O2'
NAG D-saccharide, beta linking 2-acetamido-2-deoxy-beta-D-glucopyranose 'C8 H15 N O6'
#
# COMPACT_ATOMS: atom_id res chain seq x y z
N GLY A 2 2.79 2.48 18.91
CA GLY A 2 2.90 3.10 17.56
C GLY A 2 2.54 2.15 16.43
N VAL A 3 2.45 2.69 15.22
CA VAL A 3 2.00 1.93 14.06
C VAL A 3 3.17 1.23 13.32
N GLU A 4 2.86 0.12 12.65
CA GLU A 4 3.84 -0.64 11.87
C GLU A 4 4.18 0.05 10.53
N CYS A 5 5.46 0.13 10.21
CA CYS A 5 5.87 0.65 8.90
C CYS A 5 5.23 -0.22 7.81
N ASP A 6 4.68 0.43 6.80
CA ASP A 6 3.94 -0.28 5.75
C ASP A 6 4.79 -0.55 4.50
N PHE A 7 5.24 -1.80 4.38
CA PHE A 7 6.10 -2.21 3.26
C PHE A 7 5.33 -2.77 2.07
N SER A 8 4.00 -2.73 2.12
CA SER A 8 3.18 -3.41 1.11
C SER A 8 3.37 -2.96 -0.36
N PRO A 9 3.65 -1.66 -0.63
CA PRO A 9 3.89 -1.28 -2.03
C PRO A 9 5.04 -2.07 -2.70
N LEU A 10 6.06 -2.38 -1.91
CA LEU A 10 7.17 -3.20 -2.37
C LEU A 10 6.69 -4.58 -2.82
N LEU A 11 5.70 -5.12 -2.11
CA LEU A 11 5.23 -6.49 -2.35
C LEU A 11 4.09 -6.56 -3.38
N SER A 12 3.72 -5.41 -3.94
CA SER A 12 2.53 -5.32 -4.79
C SER A 12 2.88 -5.00 -6.24
N GLY A 13 2.58 -5.92 -7.15
CA GLY A 13 2.69 -5.61 -8.60
C GLY A 13 4.10 -5.71 -9.15
N THR A 14 4.34 -5.04 -10.27
CA THR A 14 5.60 -5.17 -11.01
C THR A 14 6.59 -4.08 -10.60
N PRO A 15 7.72 -4.46 -9.99
CA PRO A 15 8.69 -3.45 -9.55
C PRO A 15 9.26 -2.70 -10.76
N PRO A 16 9.59 -1.41 -10.58
CA PRO A 16 10.13 -0.62 -11.69
C PRO A 16 11.58 -1.01 -12.01
N GLN A 17 12.11 -0.53 -13.13
CA GLN A 17 13.52 -0.73 -13.45
C GLN A 17 14.36 0.23 -12.60
N VAL A 18 15.67 -0.02 -12.55
CA VAL A 18 16.57 0.64 -11.61
C VAL A 18 16.57 2.19 -11.73
N TYR A 19 16.55 2.69 -12.96
CA TYR A 19 16.53 4.13 -13.20
C TYR A 19 15.16 4.78 -12.87
N ASN A 20 14.14 3.95 -12.65
CA ASN A 20 12.84 4.44 -12.16
C ASN A 20 12.56 3.92 -10.75
N PHE A 21 13.60 3.73 -9.93
CA PHE A 21 13.42 3.13 -8.60
C PHE A 21 12.27 3.80 -7.83
N LYS A 22 11.52 2.99 -7.10
CA LYS A 22 10.44 3.49 -6.27
C LYS A 22 11.01 3.73 -4.88
N ARG A 23 10.59 4.81 -4.25
CA ARG A 23 11.12 5.24 -2.96
C ARG A 23 10.01 5.21 -1.91
N LEU A 24 10.23 4.47 -0.82
CA LEU A 24 9.35 4.48 0.35
C LEU A 24 10.07 5.20 1.49
N VAL A 25 9.37 6.13 2.15
CA VAL A 25 9.96 6.95 3.22
C VAL A 25 9.22 6.70 4.54
N PHE A 26 9.95 6.33 5.59
CA PHE A 26 9.32 5.98 6.86
C PHE A 26 9.78 6.88 7.97
N THR A 27 8.80 7.35 8.75
CA THR A 27 9.03 8.09 9.98
C THR A 27 7.96 7.61 10.96
N ASN A 28 8.29 7.62 12.25
N ASN A 28 8.26 7.62 12.26
CA ASN A 28 7.34 7.30 13.32
CA ASN A 28 7.29 7.33 13.32
C ASN A 28 6.58 5.99 13.12
C ASN A 28 6.56 5.99 13.18
N CYS A 29 7.31 4.89 13.03
CA CYS A 29 6.70 3.57 12.86
C CYS A 29 7.66 2.48 13.30
N ASN A 30 7.15 1.27 13.47
CA ASN A 30 7.95 0.14 13.92
C ASN A 30 8.15 -0.85 12.78
N TYR A 31 9.34 -1.45 12.72
CA TYR A 31 9.68 -2.31 11.59
C TYR A 31 10.26 -3.63 12.09
N ASN A 32 10.16 -4.66 11.26
CA ASN A 32 10.94 -5.85 11.47
C ASN A 32 11.57 -6.21 10.13
N LEU A 33 12.85 -5.85 9.96
CA LEU A 33 13.55 -6.05 8.69
C LEU A 33 13.75 -7.54 8.39
N THR A 34 14.08 -8.31 9.43
CA THR A 34 14.31 -9.74 9.27
C THR A 34 13.08 -10.43 8.70
N LYS A 35 11.90 -10.05 9.21
CA LYS A 35 10.63 -10.58 8.73
C LYS A 35 10.37 -10.22 7.27
N LEU A 36 10.56 -8.95 6.92
CA LEU A 36 10.43 -8.51 5.54
C LEU A 36 11.34 -9.32 4.61
N LEU A 37 12.61 -9.46 4.98
CA LEU A 37 13.59 -10.14 4.13
C LEU A 37 13.36 -11.65 4.04
N SER A 38 12.68 -12.20 5.05
CA SER A 38 12.37 -13.63 5.08
C SER A 38 11.40 -14.05 3.99
N LEU A 39 10.74 -13.09 3.35
CA LEU A 39 9.88 -13.39 2.19
C LEU A 39 10.69 -13.67 0.92
N PHE A 40 11.95 -13.23 0.92
CA PHE A 40 12.80 -13.29 -0.25
C PHE A 40 13.95 -14.25 -0.03
N SER A 41 14.58 -14.67 -1.12
CA SER A 41 15.84 -15.37 -1.03
C SER A 41 16.97 -14.35 -1.21
N VAL A 42 17.64 -13.99 -0.12
CA VAL A 42 18.61 -12.89 -0.12
C VAL A 42 19.98 -13.41 -0.57
N ASN A 43 20.49 -12.87 -1.67
CA ASN A 43 21.77 -13.29 -2.23
C ASN A 43 22.94 -12.42 -1.77
N ASP A 44 22.68 -11.14 -1.52
CA ASP A 44 23.73 -10.21 -1.16
C ASP A 44 23.13 -9.12 -0.27
N PHE A 45 23.87 -8.75 0.76
CA PHE A 45 23.41 -7.80 1.77
C PHE A 45 24.67 -7.11 2.30
N THR A 46 24.95 -5.90 1.82
CA THR A 46 26.17 -5.19 2.18
C THR A 46 25.85 -3.74 2.47
N CYS A 47 26.64 -3.16 3.38
CA CYS A 47 26.33 -1.84 3.93
C CYS A 47 27.57 -0.96 4.03
N SER A 48 27.33 0.34 4.13
CA SER A 48 28.40 1.30 4.35
C SER A 48 28.05 2.16 5.56
N GLN A 49 28.96 2.22 6.53
CA GLN A 49 28.81 3.02 7.78
C GLN A 49 27.75 2.46 8.71
N ILE A 50 27.38 1.21 8.48
CA ILE A 50 26.48 0.45 9.33
C ILE A 50 26.70 -1.01 8.95
N SER A 51 26.11 -1.94 9.69
CA SER A 51 26.21 -3.37 9.36
C SER A 51 24.81 -3.95 9.14
N PRO A 52 24.73 -5.15 8.50
CA PRO A 52 23.42 -5.81 8.38
C PRO A 52 22.73 -6.06 9.73
N ALA A 53 23.49 -6.47 10.75
CA ALA A 53 22.90 -6.65 12.09
C ALA A 53 22.41 -5.33 12.71
N ALA A 54 23.21 -4.27 12.60
CA ALA A 54 22.85 -2.96 13.16
C ALA A 54 21.64 -2.34 12.46
N ILE A 55 21.59 -2.42 11.14
CA ILE A 55 20.47 -1.81 10.41
C ILE A 55 19.09 -2.44 10.77
N ALA A 56 19.10 -3.71 11.16
CA ALA A 56 17.88 -4.39 11.61
C ALA A 56 17.50 -4.09 13.07
N SER A 57 18.34 -3.38 13.81
CA SER A 57 18.12 -3.25 15.24
C SER A 57 18.29 -1.85 15.84
N ASN A 58 18.37 -0.81 15.01
CA ASN A 58 18.55 0.54 15.53
C ASN A 58 17.30 1.42 15.36
N CYS A 59 17.24 2.50 16.13
CA CYS A 59 16.17 3.49 16.00
C CYS A 59 16.64 4.71 15.16
N TYR A 60 15.84 5.09 14.16
CA TYR A 60 16.21 6.17 13.22
C TYR A 60 15.19 7.28 13.19
N SER A 61 15.61 8.49 12.80
CA SER A 61 14.65 9.56 12.54
C SER A 61 13.93 9.31 11.21
N SER A 62 14.63 8.70 10.24
CA SER A 62 13.94 8.21 9.05
C SER A 62 14.60 7.00 8.44
N LEU A 63 13.79 6.17 7.77
CA LEU A 63 14.31 5.08 6.96
C LEU A 63 13.74 5.20 5.57
N ILE A 64 14.63 5.18 4.59
CA ILE A 64 14.27 5.28 3.21
C ILE A 64 14.56 3.94 2.57
N LEU A 65 13.58 3.40 1.84
CA LEU A 65 13.74 2.15 1.13
C LEU A 65 13.43 2.31 -0.36
N ASP A 66 14.47 2.13 -1.18
CA ASP A 66 14.34 2.17 -2.64
C ASP A 66 14.26 0.74 -3.15
N TYR A 67 13.45 0.50 -4.19
CA TYR A 67 13.33 -0.87 -4.72
C TYR A 67 13.11 -0.88 -6.22
N PHE A 68 13.57 -1.96 -6.86
CA PHE A 68 13.57 -2.06 -8.30
C PHE A 68 13.90 -3.48 -8.73
N SER A 69 13.46 -3.84 -9.93
CA SER A 69 13.95 -5.04 -10.63
C SER A 69 15.42 -4.84 -10.94
N TYR A 70 16.22 -5.88 -10.75
CA TYR A 70 17.65 -5.79 -10.95
C TYR A 70 18.26 -7.19 -11.08
N PRO A 71 18.98 -7.44 -12.18
CA PRO A 71 19.58 -8.75 -12.36
C PRO A 71 20.81 -8.92 -11.47
N LEU A 72 20.85 -10.04 -10.75
CA LEU A 72 22.00 -10.40 -9.90
C LEU A 72 23.32 -10.38 -10.66
N SER A 73 23.27 -10.74 -11.95
CA SER A 73 24.46 -10.72 -12.80
C SER A 73 25.15 -9.35 -12.86
N MET A 74 24.41 -8.29 -12.49
CA MET A 74 24.95 -6.93 -12.53
C MET A 74 25.34 -6.38 -11.16
N LYS A 75 25.54 -7.27 -10.20
CA LYS A 75 26.04 -6.92 -8.86
C LYS A 75 27.12 -5.84 -8.85
N SER A 76 28.18 -6.04 -9.63
CA SER A 76 29.35 -5.15 -9.59
C SER A 76 29.08 -3.73 -10.06
N ASP A 77 28.06 -3.56 -10.90
CA ASP A 77 27.73 -2.26 -11.47
C ASP A 77 27.10 -1.32 -10.43
N LEU A 78 26.63 -1.89 -9.34
CA LEU A 78 26.06 -1.07 -8.26
C LEU A 78 27.08 -0.31 -7.41
N SER A 79 28.35 -0.71 -7.45
CA SER A 79 29.34 -0.05 -6.59
C SER A 79 29.83 1.26 -7.20
N VAL A 80 29.99 2.24 -6.34
CA VAL A 80 30.52 3.56 -6.67
C VAL A 80 31.92 3.45 -7.27
N SER A 81 32.72 2.54 -6.72
CA SER A 81 34.09 2.27 -7.15
C SER A 81 34.17 1.77 -8.60
N SER A 82 33.21 0.95 -8.99
CA SER A 82 33.06 0.64 -10.40
C SER A 82 32.53 1.90 -11.05
N ALA A 83 33.04 2.18 -12.24
CA ALA A 83 32.54 3.28 -13.03
C ALA A 83 31.54 2.70 -14.02
N GLY A 84 30.72 1.76 -13.54
CA GLY A 84 29.71 1.11 -14.39
C GLY A 84 28.49 2.00 -14.56
N PRO A 85 27.68 1.73 -15.61
CA PRO A 85 26.57 2.59 -15.99
C PRO A 85 25.48 2.69 -14.91
N ILE A 86 25.33 1.67 -14.08
CA ILE A 86 24.31 1.70 -13.05
C ILE A 86 24.54 2.79 -12.01
N SER A 87 25.74 2.82 -11.43
CA SER A 87 26.08 3.83 -10.43
C SER A 87 26.34 5.18 -11.07
N GLN A 88 26.84 5.18 -12.30
CA GLN A 88 27.04 6.44 -13.01
C GLN A 88 25.74 7.11 -13.47
N PHE A 89 24.81 6.35 -14.03
CA PHE A 89 23.64 6.95 -14.70
C PHE A 89 22.26 6.61 -14.17
N ASN A 90 22.15 5.58 -13.32
CA ASN A 90 20.83 5.07 -12.94
C ASN A 90 20.44 5.30 -11.48
N TYR A 91 21.34 4.95 -10.56
CA TYR A 91 21.02 4.91 -9.14
C TYR A 91 22.26 5.11 -8.29
N LYS A 92 22.18 6.08 -7.39
CA LYS A 92 23.28 6.37 -6.48
C LYS A 92 22.73 6.67 -5.10
N GLN A 93 23.29 6.00 -4.10
CA GLN A 93 22.88 6.21 -2.72
C GLN A 93 23.68 7.34 -2.09
N SER A 94 23.13 7.91 -1.02
CA SER A 94 23.83 8.92 -0.22
C SER A 94 25.23 8.44 0.15
N PHE A 95 26.20 9.34 0.07
CA PHE A 95 27.55 9.04 0.55
C PHE A 95 27.75 9.59 1.96
N SER A 96 26.72 10.26 2.51
CA SER A 96 26.86 10.87 3.82
C SER A 96 25.94 10.33 4.91
N ASN A 97 25.07 9.39 4.58
CA ASN A 97 24.25 8.69 5.58
C ASN A 97 24.58 7.19 5.46
N PRO A 98 24.39 6.41 6.53
CA PRO A 98 24.62 4.96 6.42
C PRO A 98 23.62 4.34 5.45
N THR A 99 24.07 3.37 4.65
CA THR A 99 23.25 2.77 3.60
C THR A 99 23.49 1.27 3.56
N CYS A 100 22.53 0.53 3.00
CA CYS A 100 22.72 -0.87 2.67
C CYS A 100 22.13 -1.12 1.28
N LEU A 101 22.63 -2.16 0.65
CA LEU A 101 22.14 -2.58 -0.65
C LEU A 101 21.90 -4.06 -0.54
N ILE A 102 20.68 -4.48 -0.88
CA ILE A 102 20.31 -5.89 -0.81
C ILE A 102 19.91 -6.38 -2.20
N LEU A 103 20.47 -7.51 -2.62
CA LEU A 103 20.05 -8.14 -3.88
C LEU A 103 19.34 -9.43 -3.50
N ALA A 104 18.13 -9.60 -4.02
CA ALA A 104 17.29 -10.72 -3.64
C ALA A 104 16.55 -11.32 -4.83
N THR A 105 16.17 -12.57 -4.68
CA THR A 105 15.39 -13.29 -5.68
C THR A 105 13.98 -13.51 -5.10
N VAL A 106 12.96 -13.32 -5.93
CA VAL A 106 11.57 -13.48 -5.55
C VAL A 106 11.12 -14.93 -5.70
N PRO A 107 10.79 -15.61 -4.59
CA PRO A 107 10.34 -17.01 -4.70
C PRO A 107 9.02 -17.07 -5.43
N HIS A 108 8.74 -18.22 -6.06
CA HIS A 108 7.49 -18.44 -6.77
C HIS A 108 6.27 -18.24 -5.87
N ASN A 109 6.40 -18.68 -4.62
CA ASN A 109 5.30 -18.53 -3.66
C ASN A 109 5.08 -17.09 -3.11
N LEU A 110 5.86 -16.12 -3.58
CA LEU A 110 5.58 -14.70 -3.34
C LEU A 110 4.83 -14.15 -4.57
N THR A 111 3.52 -14.37 -4.58
CA THR A 111 2.69 -14.27 -5.78
C THR A 111 2.24 -12.87 -6.17
N THR A 112 2.17 -11.98 -5.18
CA THR A 112 1.73 -10.61 -5.39
C THR A 112 2.75 -9.76 -6.20
N ILE A 113 3.99 -10.24 -6.32
CA ILE A 113 4.99 -9.57 -7.15
C ILE A 113 5.01 -10.18 -8.56
N THR A 114 4.83 -9.35 -9.58
CA THR A 114 4.81 -9.83 -10.96
C THR A 114 6.08 -9.43 -11.72
N LYS A 115 6.48 -10.25 -12.68
CA LYS A 115 7.69 -9.99 -13.48
C LYS A 115 7.46 -8.98 -14.59
N PRO A 116 8.42 -8.07 -14.80
CA PRO A 116 8.38 -7.30 -16.03
C PRO A 116 8.84 -8.19 -17.21
N LEU A 117 8.75 -7.67 -18.43
CA LEU A 117 9.14 -8.43 -19.63
C LEU A 117 10.63 -8.72 -19.71
N LYS A 118 11.42 -7.87 -19.07
CA LYS A 118 12.90 -7.89 -19.18
C LYS A 118 13.47 -6.91 -18.14
N TYR A 119 14.78 -6.90 -17.98
CA TYR A 119 15.44 -5.84 -17.23
C TYR A 119 15.88 -4.78 -18.21
N SER A 120 15.71 -3.51 -17.84
CA SER A 120 16.22 -2.39 -18.63
C SER A 120 17.13 -1.54 -17.77
N TYR A 121 18.12 -0.91 -18.39
CA TYR A 121 18.91 0.12 -17.73
C TYR A 121 19.47 1.13 -18.74
N ILE A 122 19.85 2.29 -18.22
CA ILE A 122 20.48 3.34 -19.01
C ILE A 122 21.97 3.03 -19.09
N ASN A 123 22.48 2.84 -20.30
CA ASN A 123 23.92 2.57 -20.45
C ASN A 123 24.72 3.85 -20.69
N LYS A 124 24.02 4.95 -20.93
CA LYS A 124 24.68 6.23 -21.22
C LYS A 124 23.72 7.39 -20.99
N CYS A 125 24.15 8.41 -20.27
CA CYS A 125 23.40 9.68 -20.17
C CYS A 125 24.47 10.79 -20.28
N SER A 126 24.30 11.65 -21.27
CA SER A 126 25.36 12.53 -21.72
C SER A 126 24.77 13.84 -22.27
N ARG A 127 25.56 14.92 -22.24
CA ARG A 127 25.18 16.19 -22.86
C ARG A 127 26.15 16.53 -23.95
N LEU A 128 25.64 16.87 -25.13
CA LEU A 128 26.45 17.42 -26.21
C LEU A 128 26.54 18.94 -26.05
N LEU A 129 27.76 19.47 -25.99
CA LEU A 129 27.97 20.91 -25.84
C LEU A 129 27.76 21.64 -27.17
N SER A 130 27.83 22.96 -27.14
CA SER A 130 27.55 23.78 -28.32
C SER A 130 28.59 23.62 -29.42
N ASP A 131 29.80 23.18 -29.07
CA ASP A 131 30.83 22.90 -30.08
C ASP A 131 30.45 21.70 -30.96
N ASP A 132 29.33 21.07 -30.61
CA ASP A 132 28.80 19.88 -31.31
C ASP A 132 29.77 18.68 -31.34
N ARG A 133 30.80 18.70 -30.49
CA ARG A 133 31.81 17.65 -30.44
C ARG A 133 31.91 17.02 -29.05
N THR A 134 32.07 17.86 -28.03
CA THR A 134 32.29 17.41 -26.67
C THR A 134 31.02 16.88 -26.01
N GLU A 135 31.10 15.67 -25.49
CA GLU A 135 30.00 15.08 -24.74
C GLU A 135 30.40 15.05 -23.27
N VAL A 136 29.51 15.51 -22.40
CA VAL A 136 29.80 15.50 -20.96
C VAL A 136 28.88 14.49 -20.28
N PRO A 137 29.46 13.48 -19.61
CA PRO A 137 28.61 12.50 -18.94
C PRO A 137 27.69 13.20 -17.94
N GLN A 138 26.44 12.76 -17.83
CA GLN A 138 25.50 13.29 -16.87
C GLN A 138 25.32 12.26 -15.75
N LEU A 139 26.08 12.44 -14.66
CA LEU A 139 26.11 11.49 -13.57
C LEU A 139 24.92 11.70 -12.65
N VAL A 140 24.21 10.62 -12.31
CA VAL A 140 23.06 10.72 -11.41
C VAL A 140 23.56 11.12 -10.01
N ASN A 141 22.79 11.97 -9.34
CA ASN A 141 23.06 12.37 -7.96
C ASN A 141 22.41 11.43 -6.96
N ALA A 142 23.01 11.28 -5.80
CA ALA A 142 22.37 10.61 -4.67
C ALA A 142 20.96 11.16 -4.47
N ASN A 143 19.99 10.27 -4.26
CA ASN A 143 18.61 10.67 -3.94
C ASN A 143 17.83 11.32 -5.08
N GLN A 144 18.30 11.13 -6.31
CA GLN A 144 17.68 11.75 -7.48
C GLN A 144 17.58 10.77 -8.64
N TYR A 145 16.72 11.10 -9.58
CA TYR A 145 16.67 10.36 -10.84
C TYR A 145 17.68 10.94 -11.81
N SER A 146 18.13 10.12 -12.77
CA SER A 146 18.88 10.60 -13.93
C SER A 146 18.11 11.70 -14.64
N PRO A 147 18.81 12.74 -15.15
CA PRO A 147 18.10 13.74 -15.97
C PRO A 147 17.47 13.09 -17.19
N CYS A 148 18.05 11.94 -17.60
CA CYS A 148 17.60 11.21 -18.76
C CYS A 148 16.29 10.43 -18.55
N VAL A 149 15.74 10.38 -17.33
CA VAL A 149 14.44 9.71 -17.14
C VAL A 149 13.33 10.40 -17.91
N SER A 150 13.59 11.64 -18.34
CA SER A 150 12.60 12.39 -19.11
C SER A 150 12.52 11.90 -20.56
N ILE A 151 13.52 11.15 -21.03
CA ILE A 151 13.57 10.71 -22.43
C ILE A 151 13.67 9.19 -22.60
N VAL A 152 13.98 8.46 -21.53
CA VAL A 152 14.08 7.01 -21.59
C VAL A 152 12.79 6.43 -21.01
N PRO A 153 12.11 5.54 -21.75
CA PRO A 153 10.82 5.00 -21.27
C PRO A 153 11.00 3.99 -20.12
N SER A 154 9.92 3.70 -19.40
CA SER A 154 10.00 2.83 -18.23
C SER A 154 10.46 1.39 -18.56
N THR A 155 10.33 1.03 -19.84
CA THR A 155 10.88 -0.25 -20.35
C THR A 155 11.61 0.07 -21.65
N VAL A 156 12.87 -0.37 -21.78
CA VAL A 156 13.59 -0.15 -23.03
C VAL A 156 13.04 -1.12 -24.08
N TRP A 157 12.55 -0.58 -25.18
CA TRP A 157 11.93 -1.42 -26.22
C TRP A 157 12.93 -2.40 -26.88
N GLU A 158 14.06 -1.87 -27.32
CA GLU A 158 15.05 -2.67 -28.02
C GLU A 158 16.44 -2.29 -27.52
N ASP A 159 17.23 -3.31 -27.18
CA ASP A 159 18.61 -3.12 -26.70
C ASP A 159 19.41 -2.25 -27.69
N GLY A 160 20.03 -1.18 -27.19
CA GLY A 160 20.77 -0.24 -28.05
C GLY A 160 19.95 0.96 -28.52
N ASP A 161 18.68 1.04 -28.15
CA ASP A 161 17.86 2.19 -28.51
C ASP A 161 18.57 3.44 -28.00
N TYR A 162 18.48 4.53 -28.74
N TYR A 162 18.42 4.56 -28.65
CA TYR A 162 19.01 5.79 -28.23
CA TYR A 162 19.10 5.80 -28.38
C TYR A 162 17.97 6.89 -28.28
C TYR A 162 18.02 6.90 -28.30
N TYR A 163 18.17 7.90 -27.45
CA TYR A 163 17.18 8.95 -27.18
C TYR A 163 17.88 10.30 -27.10
N ARG A 164 17.27 11.33 -27.67
CA ARG A 164 17.78 12.70 -27.50
C ARG A 164 16.67 13.72 -27.24
N LYS A 165 17.04 14.81 -26.59
CA LYS A 165 16.17 15.95 -26.32
C LYS A 165 16.97 17.22 -26.59
N GLN A 166 16.41 18.11 -27.39
CA GLN A 166 17.01 19.43 -27.62
C GLN A 166 16.69 20.27 -26.40
N LEU A 167 17.71 20.82 -25.74
CA LEU A 167 17.48 21.62 -24.53
C LEU A 167 17.34 23.12 -24.84
N SER A 168 16.52 23.82 -24.05
CA SER A 168 16.28 25.25 -24.24
C SER A 168 17.46 26.07 -23.71
N PRO A 169 17.60 27.33 -24.17
CA PRO A 169 18.64 28.19 -23.61
C PRO A 169 18.61 28.18 -22.08
N LEU A 170 17.41 28.17 -21.50
CA LEU A 170 17.21 28.12 -20.04
C LEU A 170 17.80 26.87 -19.40
N GLU A 171 17.86 25.77 -20.15
CA GLU A 171 18.40 24.51 -19.67
C GLU A 171 19.90 24.37 -19.98
N GLY A 172 20.48 25.42 -20.55
CA GLY A 172 21.91 25.44 -20.91
C GLY A 172 22.23 25.09 -22.36
N GLY A 173 21.19 24.92 -23.19
CA GLY A 173 21.36 24.64 -24.63
C GLY A 173 21.87 23.22 -24.90
N GLY A 174 22.11 22.91 -26.17
CA GLY A 174 22.66 21.62 -26.54
C GLY A 174 21.64 20.50 -26.52
N TRP A 175 22.13 19.27 -26.41
CA TRP A 175 21.28 18.08 -26.50
C TRP A 175 21.59 17.18 -25.32
N LEU A 176 20.54 16.66 -24.67
CA LEU A 176 20.64 15.54 -23.75
C LEU A 176 20.56 14.26 -24.59
N VAL A 177 21.49 13.33 -24.36
N VAL A 177 21.48 13.32 -24.33
CA VAL A 177 21.53 12.09 -25.12
CA VAL A 177 21.61 12.09 -25.10
C VAL A 177 21.70 10.88 -24.21
C VAL A 177 21.67 10.88 -24.16
N ALA A 178 20.90 9.84 -24.49
CA ALA A 178 20.88 8.64 -23.67
C ALA A 178 20.79 7.39 -24.54
N SER A 179 21.23 6.26 -23.99
CA SER A 179 21.03 4.99 -24.66
C SER A 179 20.59 3.94 -23.64
N GLY A 180 19.70 3.04 -24.05
CA GLY A 180 19.16 2.01 -23.16
C GLY A 180 19.66 0.63 -23.52
N SER A 181 19.76 -0.23 -22.51
CA SER A 181 20.18 -1.63 -22.66
C SER A 181 19.13 -2.52 -22.02
N THR A 182 19.07 -3.78 -22.47
CA THR A 182 18.17 -4.74 -21.86
C THR A 182 18.91 -6.02 -21.49
N VAL A 183 18.40 -6.71 -20.47
CA VAL A 183 18.90 -8.01 -20.01
C VAL A 183 17.68 -8.92 -19.92
N ALA A 184 17.81 -10.14 -20.42
CA ALA A 184 16.73 -11.09 -20.45
C ALA A 184 16.19 -11.35 -19.03
N MET A 185 14.86 -11.44 -18.90
CA MET A 185 14.25 -11.83 -17.64
C MET A 185 14.75 -13.20 -17.17
N THR A 186 14.93 -13.33 -15.87
CA THR A 186 15.39 -14.56 -15.26
C THR A 186 14.18 -15.42 -14.85
N GLU A 187 14.42 -16.70 -14.56
CA GLU A 187 13.35 -17.63 -14.19
C GLU A 187 12.51 -17.07 -13.05
N GLN A 188 13.19 -16.62 -12.00
CA GLN A 188 12.56 -15.87 -10.92
C GLN A 188 13.05 -14.42 -10.96
N LEU A 189 12.13 -13.49 -10.70
CA LEU A 189 12.50 -12.09 -10.68
C LEU A 189 13.59 -11.83 -9.65
N GLN A 190 14.56 -11.01 -10.02
CA GLN A 190 15.63 -10.61 -9.11
C GLN A 190 15.45 -9.10 -8.89
N MET A 191 15.70 -8.65 -7.66
CA MET A 191 15.45 -7.28 -7.25
C MET A 191 16.62 -6.70 -6.47
N GLY A 192 16.68 -5.36 -6.41
CA GLY A 192 17.57 -4.66 -5.50
C GLY A 192 16.77 -3.82 -4.53
N PHE A 193 17.24 -3.74 -3.29
CA PHE A 193 16.66 -2.85 -2.28
C PHE A 193 17.79 -1.98 -1.77
N GLY A 194 17.59 -0.67 -1.78
CA GLY A 194 18.54 0.28 -1.22
C GLY A 194 17.94 0.88 0.03
N ILE A 195 18.61 0.74 1.16
CA ILE A 195 18.14 1.32 2.41
C ILE A 195 19.08 2.43 2.82
N THR A 196 18.51 3.58 3.19
CA THR A 196 19.29 4.71 3.72
C THR A 196 18.66 5.10 5.03
N VAL A 197 19.48 5.27 6.07
CA VAL A 197 18.94 5.71 7.36
C VAL A 197 19.53 7.05 7.77
N GLN A 198 18.77 7.79 8.57
CA GLN A 198 19.23 9.01 9.21
C GLN A 198 18.97 8.92 10.69
N TYR A 199 19.94 9.37 11.48
CA TYR A 199 19.77 9.50 12.92
C TYR A 199 19.56 10.97 13.27
N GLY A 200 18.68 11.24 14.24
CA GLY A 200 18.52 12.59 14.77
C GLY A 200 18.87 12.66 16.25
N THR A 201 18.26 13.65 16.93
CA THR A 201 18.49 13.86 18.37
C THR A 201 17.40 13.18 19.21
N ASP A 202 16.21 13.78 19.24
CA ASP A 202 15.06 13.25 19.97
C ASP A 202 13.92 12.83 19.04
N THR A 203 14.27 12.59 17.77
CA THR A 203 13.29 12.24 16.75
C THR A 203 13.53 10.83 16.21
N ASN A 204 14.29 10.01 16.94
CA ASN A 204 14.56 8.63 16.48
C ASN A 204 13.38 7.70 16.72
N SER A 205 12.35 7.86 15.88
CA SER A 205 11.08 7.14 16.06
C SER A 205 10.78 6.04 15.03
N VAL A 206 11.76 5.67 14.21
CA VAL A 206 11.64 4.45 13.38
C VAL A 206 12.43 3.37 14.11
N CYS A 207 11.72 2.48 14.80
CA CYS A 207 12.34 1.54 15.74
C CYS A 207 11.95 0.09 15.42
N PRO A 208 12.83 -0.87 15.73
CA PRO A 208 12.47 -2.26 15.53
C PRO A 208 11.36 -2.73 16.47
N LYS A 209 10.52 -3.66 15.99
CA LYS A 209 9.55 -4.35 16.83
C LYS A 209 10.31 -5.08 17.93
N LEU A 210 9.96 -4.81 19.18
CA LEU A 210 10.70 -5.38 20.30
C LEU A 210 10.07 -6.69 20.79
N GLU B 1 -31.47 24.90 -5.60
CA GLU B 1 -31.05 23.49 -5.42
C GLU B 1 -29.93 23.35 -4.38
N GLY B 2 -29.80 22.16 -3.81
CA GLY B 2 -28.79 21.90 -2.78
C GLY B 2 -27.48 21.34 -3.30
N VAL B 3 -26.60 20.96 -2.38
CA VAL B 3 -25.31 20.35 -2.70
C VAL B 3 -25.54 18.88 -3.02
N GLU B 4 -24.74 18.32 -3.92
CA GLU B 4 -24.76 16.87 -4.15
C GLU B 4 -23.93 16.14 -3.08
N CYS B 5 -24.40 14.96 -2.66
CA CYS B 5 -23.65 14.12 -1.72
C CYS B 5 -22.39 13.59 -2.41
N ASP B 6 -21.26 13.74 -1.72
CA ASP B 6 -19.95 13.44 -2.31
C ASP B 6 -19.47 12.02 -1.97
N PHE B 7 -19.75 11.07 -2.86
CA PHE B 7 -19.29 9.68 -2.73
C PHE B 7 -17.88 9.46 -3.31
N SER B 8 -17.25 10.53 -3.79
CA SER B 8 -15.96 10.38 -4.49
C SER B 8 -14.79 9.81 -3.68
N PRO B 9 -14.71 10.07 -2.35
CA PRO B 9 -13.59 9.47 -1.59
C PRO B 9 -13.53 7.95 -1.74
N LEU B 10 -14.67 7.35 -2.04
CA LEU B 10 -14.78 5.91 -2.26
C LEU B 10 -13.96 5.48 -3.48
N LEU B 11 -13.94 6.33 -4.50
CA LEU B 11 -13.29 6.02 -5.77
C LEU B 11 -11.77 6.26 -5.77
N SER B 12 -11.26 6.89 -4.73
CA SER B 12 -9.84 7.25 -4.68
C SER B 12 -9.03 6.42 -3.68
N GLY B 13 -8.06 5.69 -4.20
CA GLY B 13 -7.07 5.00 -3.36
C GLY B 13 -7.43 3.58 -3.00
N THR B 14 -6.80 3.10 -1.92
CA THR B 14 -6.95 1.70 -1.47
C THR B 14 -7.99 1.60 -0.35
N PRO B 15 -9.07 0.83 -0.59
CA PRO B 15 -10.08 0.63 0.45
C PRO B 15 -9.49 -0.11 1.66
N PRO B 16 -9.87 0.31 2.87
CA PRO B 16 -9.37 -0.38 4.06
C PRO B 16 -9.96 -1.78 4.17
N GLN B 17 -9.45 -2.59 5.10
CA GLN B 17 -10.03 -3.89 5.37
C GLN B 17 -11.29 -3.72 6.22
N VAL B 18 -12.06 -4.79 6.35
CA VAL B 18 -13.39 -4.74 7.00
C VAL B 18 -13.33 -4.16 8.44
N TYR B 19 -12.37 -4.56 9.26
CA TYR B 19 -12.24 -4.01 10.63
C TYR B 19 -11.81 -2.55 10.70
N ASN B 20 -11.27 -2.03 9.59
CA ASN B 20 -10.91 -0.60 9.50
C ASN B 20 -11.85 0.15 8.56
N PHE B 21 -13.11 -0.27 8.47
CA PHE B 21 -14.06 0.30 7.51
C PHE B 21 -14.04 1.82 7.54
N LYS B 22 -14.16 2.42 6.36
CA LYS B 22 -14.20 3.86 6.26
C LYS B 22 -15.65 4.29 6.22
N ARG B 23 -16.01 5.30 7.01
CA ARG B 23 -17.39 5.74 7.16
C ARG B 23 -17.57 7.16 6.62
N LEU B 24 -18.51 7.33 5.70
CA LEU B 24 -18.92 8.65 5.26
C LEU B 24 -20.33 8.96 5.75
N VAL B 25 -20.49 10.13 6.36
CA VAL B 25 -21.78 10.57 6.88
C VAL B 25 -22.30 11.70 5.99
N PHE B 26 -23.56 11.60 5.57
CA PHE B 26 -24.18 12.62 4.73
C PHE B 26 -25.42 13.21 5.37
N THR B 27 -25.43 14.54 5.48
CA THR B 27 -26.62 15.30 5.86
C THR B 27 -26.78 16.42 4.85
N ASN B 28 -28.03 16.87 4.67
CA ASN B 28 -28.33 18.02 3.80
C ASN B 28 -27.61 17.99 2.44
N CYS B 29 -27.89 16.95 1.66
CA CYS B 29 -27.40 16.84 0.29
C CYS B 29 -28.32 15.95 -0.52
N ASN B 30 -28.18 16.02 -1.85
CA ASN B 30 -28.95 15.15 -2.74
C ASN B 30 -28.06 14.04 -3.29
N TYR B 31 -28.52 12.80 -3.23
CA TYR B 31 -27.74 11.63 -3.65
C TYR B 31 -28.30 10.99 -4.92
N ASN B 32 -27.45 10.27 -5.65
CA ASN B 32 -27.90 9.35 -6.70
C ASN B 32 -27.14 8.05 -6.49
N LEU B 33 -27.80 7.12 -5.81
CA LEU B 33 -27.19 5.86 -5.44
C LEU B 33 -26.98 4.99 -6.68
N THR B 34 -27.94 5.04 -7.59
CA THR B 34 -27.89 4.30 -8.84
C THR B 34 -26.62 4.63 -9.61
N LYS B 35 -26.25 5.90 -9.62
CA LYS B 35 -25.05 6.37 -10.31
C LYS B 35 -23.81 5.73 -9.70
N LEU B 36 -23.65 5.90 -8.38
CA LEU B 36 -22.54 5.29 -7.64
C LEU B 36 -22.37 3.81 -7.95
N LEU B 37 -23.45 3.05 -7.80
CA LEU B 37 -23.43 1.61 -8.01
C LEU B 37 -23.24 1.15 -9.45
N SER B 38 -23.64 1.99 -10.41
CA SER B 38 -23.49 1.64 -11.83
C SER B 38 -22.00 1.58 -12.21
N LEU B 39 -21.17 2.32 -11.47
CA LEU B 39 -19.73 2.28 -11.63
C LEU B 39 -19.10 0.94 -11.25
N PHE B 40 -19.88 0.08 -10.60
CA PHE B 40 -19.40 -1.22 -10.12
C PHE B 40 -20.18 -2.36 -10.74
N SER B 41 -19.67 -3.56 -10.55
CA SER B 41 -20.42 -4.77 -10.86
C SER B 41 -21.01 -5.33 -9.56
N VAL B 42 -22.27 -5.00 -9.29
CA VAL B 42 -22.93 -5.41 -8.04
C VAL B 42 -23.27 -6.90 -8.06
N ASN B 43 -22.74 -7.61 -7.07
CA ASN B 43 -22.96 -9.06 -6.95
C ASN B 43 -24.06 -9.42 -5.98
N ASP B 44 -24.21 -8.66 -4.90
CA ASP B 44 -25.21 -8.93 -3.88
C ASP B 44 -25.66 -7.62 -3.27
N PHE B 45 -26.94 -7.55 -2.93
CA PHE B 45 -27.57 -6.34 -2.43
C PHE B 45 -28.67 -6.79 -1.47
N THR B 46 -28.34 -6.92 -0.18
CA THR B 46 -29.32 -7.38 0.81
C THR B 46 -29.60 -6.27 1.82
N CYS B 47 -30.86 -6.14 2.21
CA CYS B 47 -31.28 -5.07 3.12
C CYS B 47 -32.05 -5.58 4.34
N SER B 48 -32.09 -4.76 5.38
CA SER B 48 -32.87 -5.07 6.55
C SER B 48 -33.77 -3.88 6.87
N GLN B 49 -35.08 -4.15 6.88
CA GLN B 49 -36.12 -3.15 7.21
C GLN B 49 -36.24 -2.03 6.18
N ILE B 50 -35.73 -2.30 5.00
CA ILE B 50 -35.86 -1.45 3.82
C ILE B 50 -35.64 -2.35 2.60
N SER B 51 -35.92 -1.85 1.40
CA SER B 51 -35.64 -2.60 0.17
C SER B 51 -34.59 -1.88 -0.68
N PRO B 52 -33.94 -2.59 -1.62
CA PRO B 52 -33.03 -1.89 -2.53
C PRO B 52 -33.70 -0.72 -3.27
N ALA B 53 -34.93 -0.92 -3.71
CA ALA B 53 -35.66 0.15 -4.41
C ALA B 53 -35.99 1.34 -3.50
N ALA B 54 -36.39 1.06 -2.25
CA ALA B 54 -36.72 2.16 -1.33
C ALA B 54 -35.48 2.96 -0.93
N ILE B 55 -34.36 2.28 -0.69
CA ILE B 55 -33.18 2.98 -0.20
C ILE B 55 -32.59 3.93 -1.24
N ALA B 56 -32.82 3.63 -2.51
CA ALA B 56 -32.40 4.52 -3.61
C ALA B 56 -33.32 5.74 -3.80
N SER B 57 -34.49 5.74 -3.15
CA SER B 57 -35.51 6.75 -3.46
C SER B 57 -36.17 7.50 -2.30
N ASN B 58 -35.76 7.25 -1.07
CA ASN B 58 -36.37 7.94 0.07
C ASN B 58 -35.54 9.15 0.57
N CYS B 59 -36.17 10.02 1.36
CA CYS B 59 -35.48 11.13 2.04
C CYS B 59 -35.16 10.78 3.50
N TYR B 60 -33.93 11.09 3.92
CA TYR B 60 -33.45 10.74 5.27
C TYR B 60 -32.94 11.97 5.99
N SER B 61 -32.80 11.86 7.31
CA SER B 61 -32.12 12.92 8.08
C SER B 61 -30.62 12.72 7.99
N SER B 62 -30.18 11.47 7.89
CA SER B 62 -28.79 11.17 7.61
C SER B 62 -28.64 9.83 6.89
N LEU B 63 -27.59 9.74 6.09
CA LEU B 63 -27.25 8.51 5.41
C LEU B 63 -25.77 8.23 5.67
N ILE B 64 -25.48 6.99 6.05
CA ILE B 64 -24.12 6.59 6.40
C ILE B 64 -23.65 5.54 5.41
N LEU B 65 -22.46 5.75 4.83
CA LEU B 65 -21.91 4.81 3.89
C LEU B 65 -20.56 4.32 4.39
N ASP B 66 -20.49 3.02 4.69
CA ASP B 66 -19.26 2.36 5.10
C ASP B 66 -18.73 1.60 3.90
N TYR B 67 -17.41 1.66 3.69
CA TYR B 67 -16.80 0.86 2.63
C TYR B 67 -15.48 0.23 3.02
N PHE B 68 -15.18 -0.89 2.39
CA PHE B 68 -14.01 -1.70 2.72
C PHE B 68 -13.76 -2.74 1.63
N SER B 69 -12.53 -3.23 1.56
CA SER B 69 -12.20 -4.42 0.75
C SER B 69 -12.82 -5.65 1.40
N TYR B 70 -13.44 -6.50 0.60
CA TYR B 70 -14.09 -7.73 1.11
C TYR B 70 -14.26 -8.70 -0.03
N PRO B 71 -13.81 -9.96 0.15
CA PRO B 71 -13.92 -10.95 -0.91
C PRO B 71 -15.31 -11.59 -1.03
N LEU B 72 -15.82 -11.64 -2.26
CA LEU B 72 -17.11 -12.26 -2.55
C LEU B 72 -17.18 -13.70 -2.05
N SER B 73 -16.04 -14.39 -2.01
CA SER B 73 -15.97 -15.76 -1.49
C SER B 73 -16.31 -15.86 0.01
N MET B 74 -16.29 -14.73 0.71
CA MET B 74 -16.67 -14.69 2.11
C MET B 74 -18.10 -14.16 2.33
N LYS B 75 -18.93 -14.24 1.29
CA LYS B 75 -20.32 -13.85 1.43
C LYS B 75 -21.00 -14.61 2.59
N SER B 76 -20.78 -15.93 2.66
CA SER B 76 -21.38 -16.75 3.72
C SER B 76 -20.94 -16.31 5.12
N ASP B 77 -19.74 -15.72 5.21
CA ASP B 77 -19.22 -15.21 6.48
C ASP B 77 -19.99 -13.99 6.95
N LEU B 78 -20.68 -13.31 6.04
CA LEU B 78 -21.63 -12.26 6.44
C LEU B 78 -22.97 -12.88 6.84
N SER B 79 -23.39 -13.90 6.09
CA SER B 79 -24.68 -14.55 6.34
C SER B 79 -24.79 -15.17 7.72
N VAL B 80 -23.69 -15.73 8.22
CA VAL B 80 -23.71 -16.36 9.55
C VAL B 80 -23.89 -15.31 10.67
N SER B 81 -23.71 -14.04 10.32
CA SER B 81 -23.92 -12.92 11.25
C SER B 81 -23.12 -13.20 12.54
N SER B 82 -23.74 -13.06 13.72
CA SER B 82 -22.99 -13.20 14.97
C SER B 82 -22.50 -14.62 15.29
N ALA B 83 -22.81 -15.59 14.43
CA ALA B 83 -22.16 -16.91 14.54
C ALA B 83 -20.76 -16.91 13.95
N GLY B 84 -20.37 -15.83 13.29
CA GLY B 84 -19.03 -15.81 12.66
C GLY B 84 -18.17 -14.61 13.02
N PRO B 85 -16.85 -14.67 12.72
CA PRO B 85 -15.88 -13.63 13.08
C PRO B 85 -16.19 -12.24 12.54
N ILE B 86 -16.78 -12.14 11.35
CA ILE B 86 -17.04 -10.82 10.75
C ILE B 86 -17.96 -9.94 11.60
N SER B 87 -19.14 -10.45 11.96
CA SER B 87 -20.04 -9.70 12.81
C SER B 87 -19.62 -9.70 14.28
N GLN B 88 -18.90 -10.74 14.70
CA GLN B 88 -18.36 -10.78 16.07
C GLN B 88 -17.31 -9.71 16.32
N PHE B 89 -16.32 -9.62 15.42
CA PHE B 89 -15.09 -8.85 15.69
C PHE B 89 -14.73 -7.71 14.74
N ASN B 90 -15.43 -7.58 13.62
CA ASN B 90 -15.02 -6.65 12.54
C ASN B 90 -16.01 -5.53 12.20
N TYR B 91 -17.21 -5.92 11.78
CA TYR B 91 -18.20 -4.97 11.28
C TYR B 91 -19.61 -5.48 11.54
N LYS B 92 -20.43 -4.70 12.22
CA LYS B 92 -21.80 -5.12 12.52
C LYS B 92 -22.68 -3.88 12.47
N GLN B 93 -23.65 -3.89 11.57
CA GLN B 93 -24.48 -2.71 11.35
C GLN B 93 -25.55 -2.53 12.42
N SER B 94 -26.07 -1.31 12.50
CA SER B 94 -27.10 -0.91 13.43
C SER B 94 -28.27 -1.88 13.47
N PHE B 95 -28.78 -2.15 14.67
CA PHE B 95 -29.99 -2.95 14.83
C PHE B 95 -31.25 -2.06 14.78
N SER B 96 -31.09 -0.74 14.91
CA SER B 96 -32.24 0.11 15.15
C SER B 96 -32.58 1.06 14.01
N ASN B 97 -31.87 0.93 12.89
CA ASN B 97 -32.13 1.73 11.70
C ASN B 97 -32.12 0.81 10.49
N PRO B 98 -32.83 1.17 9.40
CA PRO B 98 -32.72 0.35 8.21
C PRO B 98 -31.29 0.34 7.66
N THR B 99 -30.84 -0.81 7.16
CA THR B 99 -29.49 -0.97 6.64
C THR B 99 -29.50 -1.78 5.34
N CYS B 100 -28.50 -1.58 4.50
CA CYS B 100 -28.22 -2.51 3.40
C CYS B 100 -26.73 -2.85 3.40
N LEU B 101 -26.43 -4.01 2.83
CA LEU B 101 -25.06 -4.43 2.66
C LEU B 101 -24.91 -4.87 1.21
N ILE B 102 -23.93 -4.27 0.52
CA ILE B 102 -23.72 -4.48 -0.91
C ILE B 102 -22.34 -5.05 -1.16
N LEU B 103 -22.28 -6.15 -1.90
CA LEU B 103 -21.04 -6.73 -2.34
C LEU B 103 -20.85 -6.45 -3.82
N ALA B 104 -19.71 -5.86 -4.19
CA ALA B 104 -19.46 -5.48 -5.56
C ALA B 104 -18.02 -5.77 -5.99
N THR B 105 -17.82 -5.93 -7.30
CA THR B 105 -16.50 -6.12 -7.88
C THR B 105 -16.13 -4.84 -8.62
N VAL B 106 -14.89 -4.41 -8.47
CA VAL B 106 -14.39 -3.21 -9.13
C VAL B 106 -14.10 -3.58 -10.58
N PRO B 107 -14.74 -2.89 -11.54
CA PRO B 107 -14.51 -3.19 -12.96
C PRO B 107 -13.13 -2.72 -13.42
N HIS B 108 -12.61 -3.36 -14.46
CA HIS B 108 -11.33 -2.93 -15.03
C HIS B 108 -11.33 -1.45 -15.41
N ASN B 109 -12.49 -0.94 -15.86
CA ASN B 109 -12.70 0.48 -16.20
C ASN B 109 -12.37 1.43 -15.05
N LEU B 110 -12.58 0.97 -13.82
CA LEU B 110 -12.36 1.80 -12.65
C LEU B 110 -10.93 1.64 -12.17
N THR B 111 -10.07 2.56 -12.60
CA THR B 111 -8.63 2.43 -12.42
C THR B 111 -8.12 3.25 -11.23
N THR B 112 -8.97 4.13 -10.72
CA THR B 112 -8.62 5.02 -9.62
C THR B 112 -8.58 4.34 -8.22
N ILE B 113 -9.10 3.12 -8.14
CA ILE B 113 -9.13 2.38 -6.87
C ILE B 113 -8.00 1.36 -6.91
N THR B 114 -7.05 1.48 -5.98
CA THR B 114 -5.89 0.57 -5.97
C THR B 114 -6.12 -0.63 -5.04
N LYS B 115 -5.55 -1.78 -5.41
CA LYS B 115 -5.70 -3.01 -4.61
C LYS B 115 -4.77 -3.06 -3.39
N PRO B 116 -5.29 -3.56 -2.24
CA PRO B 116 -4.38 -3.94 -1.16
C PRO B 116 -3.71 -5.26 -1.50
N LEU B 117 -2.74 -5.67 -0.69
CA LEU B 117 -1.97 -6.89 -0.90
C LEU B 117 -2.81 -8.18 -0.80
N LYS B 118 -3.85 -8.14 0.03
CA LYS B 118 -4.68 -9.30 0.35
C LYS B 118 -5.93 -8.80 1.10
N TYR B 119 -6.86 -9.70 1.39
CA TYR B 119 -7.96 -9.41 2.30
C TYR B 119 -7.58 -9.89 3.69
N SER B 120 -7.86 -9.06 4.70
CA SER B 120 -7.58 -9.37 6.10
C SER B 120 -8.83 -9.21 6.96
N TYR B 121 -8.95 -10.03 8.00
CA TYR B 121 -10.01 -9.84 8.99
C TYR B 121 -9.56 -10.35 10.36
N ILE B 122 -10.22 -9.85 11.40
CA ILE B 122 -9.97 -10.28 12.78
C ILE B 122 -10.78 -11.55 13.07
N ASN B 123 -10.09 -12.62 13.45
CA ASN B 123 -10.76 -13.89 13.75
C ASN B 123 -10.98 -14.09 15.25
N LYS B 124 -10.40 -13.22 16.06
CA LYS B 124 -10.50 -13.32 17.52
C LYS B 124 -10.10 -11.99 18.17
N CYS B 125 -10.87 -11.57 19.18
CA CYS B 125 -10.54 -10.40 19.99
C CYS B 125 -11.00 -10.72 21.41
N SER B 126 -10.07 -10.65 22.36
CA SER B 126 -10.35 -11.12 23.72
C SER B 126 -9.56 -10.39 24.79
N ARG B 127 -10.21 -10.12 25.91
CA ARG B 127 -9.52 -9.55 27.05
C ARG B 127 -9.07 -10.69 27.95
N LEU B 128 -7.81 -10.66 28.35
CA LEU B 128 -7.33 -11.61 29.35
C LEU B 128 -7.19 -10.81 30.61
N LEU B 129 -7.87 -11.26 31.63
CA LEU B 129 -7.84 -10.56 32.88
C LEU B 129 -6.53 -10.90 33.57
N SER B 130 -6.21 -10.21 34.64
CA SER B 130 -4.90 -10.31 35.22
C SER B 130 -4.61 -11.73 35.57
N ASP B 131 -5.58 -12.40 36.17
CA ASP B 131 -5.32 -13.66 36.81
C ASP B 131 -4.62 -14.67 35.94
N ASP B 132 -5.02 -14.73 34.68
CA ASP B 132 -4.66 -15.79 33.78
C ASP B 132 -5.56 -16.98 33.96
N ARG B 133 -6.67 -16.74 34.65
CA ARG B 133 -7.91 -17.45 34.42
C ARG B 133 -8.64 -17.12 33.09
N THR B 134 -8.71 -15.84 32.72
CA THR B 134 -9.77 -15.40 31.82
C THR B 134 -9.41 -14.90 30.44
N GLU B 135 -9.96 -15.59 29.44
CA GLU B 135 -10.12 -15.10 28.11
C GLU B 135 -11.60 -14.82 27.87
N VAL B 136 -11.95 -13.55 28.00
CA VAL B 136 -13.30 -13.02 27.76
C VAL B 136 -13.40 -12.25 26.43
N PRO B 137 -14.12 -12.83 25.45
CA PRO B 137 -14.23 -12.25 24.10
C PRO B 137 -14.79 -10.83 24.16
N GLN B 138 -14.12 -9.91 23.45
CA GLN B 138 -14.58 -8.52 23.34
C GLN B 138 -15.08 -8.31 21.91
N LEU B 139 -16.41 -8.23 21.77
CA LEU B 139 -17.05 -8.24 20.47
C LEU B 139 -17.39 -6.83 20.02
N VAL B 140 -17.60 -6.66 18.73
CA VAL B 140 -17.92 -5.36 18.20
C VAL B 140 -19.39 -5.05 18.50
N ASN B 141 -19.66 -3.82 18.89
CA ASN B 141 -21.02 -3.36 19.07
C ASN B 141 -21.58 -2.86 17.77
N ALA B 142 -22.87 -3.10 17.55
CA ALA B 142 -23.54 -2.60 16.35
C ALA B 142 -23.13 -1.14 16.12
N ASN B 143 -22.74 -0.83 14.88
CA ASN B 143 -22.43 0.55 14.46
C ASN B 143 -21.07 1.11 14.95
N GLN B 144 -20.23 0.27 15.57
CA GLN B 144 -18.94 0.71 16.15
C GLN B 144 -17.71 -0.03 15.57
N TYR B 145 -16.50 0.42 15.93
CA TYR B 145 -15.26 -0.30 15.62
C TYR B 145 -14.90 -1.32 16.70
N SER B 146 -14.15 -2.35 16.29
CA SER B 146 -13.67 -3.40 17.19
C SER B 146 -12.74 -2.82 18.27
N PRO B 147 -12.85 -3.34 19.51
CA PRO B 147 -11.90 -2.89 20.55
C PRO B 147 -10.45 -3.24 20.20
N CYS B 148 -10.27 -4.25 19.36
CA CYS B 148 -8.95 -4.70 18.95
C CYS B 148 -8.37 -3.98 17.72
N VAL B 149 -9.06 -2.96 17.20
CA VAL B 149 -8.50 -2.21 16.05
C VAL B 149 -7.18 -1.56 16.39
N SER B 150 -6.98 -1.25 17.67
CA SER B 150 -5.75 -0.55 18.09
C SER B 150 -4.50 -1.43 18.06
N ILE B 151 -4.68 -2.75 17.96
CA ILE B 151 -3.57 -3.71 18.02
C ILE B 151 -3.44 -4.63 16.79
N VAL B 152 -4.35 -4.51 15.85
CA VAL B 152 -4.29 -5.29 14.60
C VAL B 152 -3.80 -4.37 13.49
N PRO B 153 -2.74 -4.77 12.75
CA PRO B 153 -2.25 -3.88 11.70
C PRO B 153 -3.25 -3.80 10.55
N SER B 154 -3.11 -2.77 9.72
CA SER B 154 -4.07 -2.50 8.65
C SER B 154 -4.07 -3.60 7.57
N THR B 155 -2.98 -4.38 7.54
CA THR B 155 -2.91 -5.62 6.75
C THR B 155 -2.28 -6.68 7.62
N VAL B 156 -2.89 -7.86 7.66
CA VAL B 156 -2.34 -8.98 8.43
C VAL B 156 -1.17 -9.60 7.67
N TRP B 157 -0.05 -9.77 8.35
CA TRP B 157 1.17 -10.28 7.71
C TRP B 157 1.01 -11.74 7.26
N GLU B 158 0.59 -12.58 8.20
CA GLU B 158 0.44 -14.00 7.93
C GLU B 158 -0.81 -14.49 8.62
N ASP B 159 -1.57 -15.33 7.92
CA ASP B 159 -2.76 -15.97 8.45
C ASP B 159 -2.42 -16.60 9.80
N GLY B 160 -3.23 -16.32 10.83
CA GLY B 160 -3.03 -16.93 12.15
C GLY B 160 -2.22 -16.09 13.12
N ASP B 161 -1.69 -14.97 12.65
CA ASP B 161 -0.88 -14.06 13.48
C ASP B 161 -1.58 -13.60 14.73
N TYR B 162 -0.80 -13.38 15.77
CA TYR B 162 -1.29 -13.13 17.11
C TYR B 162 -0.79 -11.77 17.59
N TYR B 163 -1.66 -11.01 18.23
CA TYR B 163 -1.30 -9.67 18.71
C TYR B 163 -1.72 -9.55 20.16
N ARG B 164 -0.91 -8.85 20.95
CA ARG B 164 -1.23 -8.61 22.35
C ARG B 164 -0.74 -7.25 22.85
N LYS B 165 -1.50 -6.67 23.78
CA LYS B 165 -1.17 -5.40 24.39
C LYS B 165 -1.57 -5.45 25.87
N GLN B 166 -0.66 -5.04 26.74
CA GLN B 166 -0.94 -5.02 28.17
C GLN B 166 -1.79 -3.81 28.54
N LEU B 167 -2.92 -4.05 29.17
CA LEU B 167 -3.86 -2.98 29.53
C LEU B 167 -3.44 -2.22 30.78
N SER B 168 -3.51 -0.89 30.71
CA SER B 168 -3.19 -0.03 31.85
C SER B 168 -4.19 -0.26 32.98
N PRO B 169 -3.71 -0.20 34.24
CA PRO B 169 -4.60 -0.37 35.39
C PRO B 169 -5.78 0.61 35.43
N LEU B 170 -5.62 1.77 34.78
CA LEU B 170 -6.71 2.74 34.64
C LEU B 170 -7.84 2.17 33.77
N GLU B 171 -7.47 1.35 32.78
CA GLU B 171 -8.42 0.52 32.06
C GLU B 171 -8.50 -0.85 32.68
N GLY B 172 -7.86 -1.00 33.83
CA GLY B 172 -8.06 -2.20 34.60
C GLY B 172 -7.17 -3.37 34.32
N GLY B 173 -6.13 -3.16 33.55
CA GLY B 173 -5.06 -4.13 33.51
C GLY B 173 -5.42 -5.40 32.79
N GLY B 174 -4.55 -6.38 32.86
CA GLY B 174 -4.64 -7.51 31.95
C GLY B 174 -4.09 -7.28 30.57
N TRP B 175 -4.43 -8.18 29.65
CA TRP B 175 -3.97 -8.14 28.26
C TRP B 175 -5.14 -8.08 27.28
N LEU B 176 -5.00 -7.27 26.23
CA LEU B 176 -5.91 -7.34 25.09
C LEU B 176 -5.25 -8.18 24.00
N VAL B 177 -5.95 -9.20 23.53
CA VAL B 177 -5.39 -10.22 22.67
C VAL B 177 -6.24 -10.36 21.40
N ALA B 178 -5.59 -10.49 20.25
CA ALA B 178 -6.31 -10.66 18.98
C ALA B 178 -5.58 -11.59 18.00
N SER B 179 -6.31 -12.09 17.01
CA SER B 179 -5.69 -12.84 15.92
C SER B 179 -6.27 -12.44 14.57
N GLY B 180 -5.44 -12.49 13.53
CA GLY B 180 -5.83 -12.06 12.20
C GLY B 180 -5.84 -13.21 11.20
N SER B 181 -6.68 -13.09 10.18
CA SER B 181 -6.79 -14.09 9.12
C SER B 181 -6.68 -13.41 7.76
N THR B 182 -6.30 -14.18 6.74
CA THR B 182 -6.10 -13.63 5.42
C THR B 182 -6.76 -14.43 4.32
N VAL B 183 -7.13 -13.74 3.24
CA VAL B 183 -7.60 -14.34 2.02
C VAL B 183 -6.88 -13.66 0.88
N ALA B 184 -6.38 -14.47 -0.05
CA ALA B 184 -5.59 -13.99 -1.19
C ALA B 184 -6.36 -12.99 -2.01
N MET B 185 -5.67 -11.98 -2.53
CA MET B 185 -6.29 -11.00 -3.40
C MET B 185 -6.85 -11.68 -4.64
N THR B 186 -7.93 -11.10 -5.14
CA THR B 186 -8.58 -11.56 -6.35
C THR B 186 -8.09 -10.72 -7.54
N GLU B 187 -8.27 -11.23 -8.76
CA GLU B 187 -7.80 -10.54 -9.97
C GLU B 187 -8.36 -9.11 -10.02
N GLN B 188 -9.66 -8.99 -9.73
CA GLN B 188 -10.29 -7.69 -9.53
C GLN B 188 -10.65 -7.54 -8.06
N LEU B 189 -10.42 -6.35 -7.51
CA LEU B 189 -10.75 -6.07 -6.12
C LEU B 189 -12.26 -6.19 -5.91
N GLN B 190 -12.63 -6.83 -4.82
CA GLN B 190 -14.01 -6.89 -4.41
C GLN B 190 -14.22 -6.09 -3.12
N MET B 191 -15.39 -5.48 -3.00
CA MET B 191 -15.66 -4.54 -1.91
C MET B 191 -16.99 -4.78 -1.23
N GLY B 192 -17.09 -4.27 0.00
CA GLY B 192 -18.36 -4.23 0.72
C GLY B 192 -18.76 -2.79 0.88
N PHE B 193 -20.06 -2.50 0.70
CA PHE B 193 -20.63 -1.20 1.03
C PHE B 193 -21.74 -1.40 2.03
N GLY B 194 -21.65 -0.74 3.17
CA GLY B 194 -22.73 -0.76 4.13
C GLY B 194 -23.44 0.57 4.15
N ILE B 195 -24.76 0.55 3.99
CA ILE B 195 -25.55 1.78 4.05
C ILE B 195 -26.50 1.68 5.23
N THR B 196 -26.51 2.72 6.07
CA THR B 196 -27.46 2.85 7.17
C THR B 196 -28.17 4.19 6.98
N VAL B 197 -29.50 4.16 6.99
CA VAL B 197 -30.25 5.39 6.88
C VAL B 197 -31.02 5.67 8.16
N GLN B 198 -31.22 6.95 8.43
CA GLN B 198 -31.93 7.41 9.60
C GLN B 198 -33.02 8.36 9.15
N TYR B 199 -34.26 8.11 9.58
CA TYR B 199 -35.37 9.01 9.27
C TYR B 199 -35.56 9.95 10.46
N GLY B 200 -35.53 11.25 10.19
CA GLY B 200 -35.50 12.26 11.24
C GLY B 200 -36.87 12.72 11.66
N THR B 201 -36.91 13.52 12.70
CA THR B 201 -38.17 14.04 13.16
C THR B 201 -38.90 15.02 12.20
N ASP B 202 -38.17 15.99 11.65
CA ASP B 202 -38.72 16.88 10.62
C ASP B 202 -37.70 17.15 9.53
N THR B 203 -36.63 16.41 9.61
CA THR B 203 -35.34 16.85 9.23
C THR B 203 -34.82 16.08 8.06
N ASN B 204 -35.73 15.63 7.21
CA ASN B 204 -35.38 14.74 6.10
C ASN B 204 -34.84 15.46 4.85
N SER B 205 -33.57 15.81 4.88
CA SER B 205 -32.96 16.60 3.81
C SER B 205 -31.83 15.88 3.05
N VAL B 206 -31.68 14.58 3.29
CA VAL B 206 -30.88 13.77 2.39
C VAL B 206 -31.87 13.11 1.43
N CYS B 207 -31.98 13.67 0.23
CA CYS B 207 -32.98 13.26 -0.74
C CYS B 207 -32.35 12.81 -2.07
N PRO B 208 -33.08 12.01 -2.88
CA PRO B 208 -32.55 11.62 -4.18
C PRO B 208 -32.61 12.76 -5.20
N LYS B 209 -31.62 12.82 -6.08
CA LYS B 209 -31.61 13.78 -7.20
C LYS B 209 -32.76 13.47 -8.17
N LEU B 210 -33.40 14.50 -8.70
CA LEU B 210 -34.58 14.31 -9.56
C LEU B 210 -34.43 14.94 -10.94
C1 NAG C . 10.99 -10.25 13.70
C2 NAG C . 10.69 -10.89 15.06
C3 NAG C . 11.36 -12.25 15.27
C4 NAG C . 11.33 -13.16 14.04
C5 NAG C . 11.67 -12.37 12.77
C6 NAG C . 11.52 -13.19 11.49
C7 NAG C . 10.39 -9.55 17.05
C8 NAG C . 11.09 -8.72 18.09
N2 NAG C . 11.18 -10.04 16.12
O3 NAG C . 10.77 -12.91 16.37
O4 NAG C . 12.25 -14.20 14.32
O5 NAG C . 10.86 -11.20 12.65
O6 NAG C . 10.17 -13.54 11.28
O7 NAG C . 9.18 -9.72 17.10
C1 NAG C . 11.76 -15.48 13.84
C2 NAG C . 12.92 -16.48 13.72
C3 NAG C . 12.52 -17.89 14.15
C4 NAG C . 11.83 -17.84 15.50
C5 NAG C . 10.58 -16.96 15.47
C6 NAG C . 10.36 -16.31 16.81
C7 NAG C . 12.84 -16.65 11.20
C8 NAG C . 11.38 -17.05 11.13
N2 NAG C . 13.46 -16.44 12.37
O3 NAG C . 13.67 -18.71 14.23
O4 NAG C . 11.48 -19.15 15.90
O5 NAG C . 10.55 -15.96 14.45
O6 NAG C . 9.76 -17.26 17.67
O7 NAG C . 13.44 -16.52 10.13
C1 NAG D . 8.11 -20.49 -0.05
C2 NAG D . 8.11 -21.70 0.89
C3 NAG D . 9.38 -21.82 1.76
C4 NAG D . 10.66 -21.30 1.10
C5 NAG D . 10.35 -19.97 0.37
C6 NAG D . 11.56 -19.21 -0.20
C7 NAG D . 5.72 -22.09 1.44
C8 NAG D . 4.66 -21.84 2.47
N2 NAG D . 6.94 -21.61 1.75
O3 NAG D . 9.57 -23.17 2.13
O4 NAG D . 11.61 -21.12 2.13
O5 NAG D . 9.39 -20.23 -0.62
O6 NAG D . 12.56 -20.06 -0.72
O7 NAG D . 5.46 -22.69 0.40
C1 NAG D . 12.79 -21.93 1.91
C2 NAG D . 13.99 -21.19 2.51
C3 NAG D . 15.27 -21.99 2.28
C4 NAG D . 15.08 -23.41 2.82
C5 NAG D . 13.84 -24.06 2.17
C6 NAG D . 13.64 -25.47 2.70
C7 NAG D . 14.20 -18.73 2.74
C8 NAG D . 14.26 -17.43 2.00
N2 NAG D . 14.09 -19.83 1.99
O3 NAG D . 16.36 -21.37 2.91
O4 NAG D . 16.24 -24.18 2.57
O5 NAG D . 12.70 -23.25 2.43
O6 NAG D . 12.27 -25.82 2.65
O7 NAG D . 14.24 -18.72 3.97
C1 NAG E . -28.93 8.90 -11.58
C2 NAG E . -29.85 9.40 -12.71
C3 NAG E . -30.36 8.20 -13.51
C4 NAG E . -29.15 7.51 -14.16
C5 NAG E . -28.16 7.14 -13.06
C6 NAG E . -26.87 6.59 -13.65
C7 NAG E . -30.80 11.52 -11.91
C8 NAG E . -32.05 12.21 -11.45
N2 NAG E . -30.94 10.24 -12.24
O3 NAG E . -31.29 8.62 -14.49
O4 NAG E . -29.53 6.35 -14.86
O5 NAG E . -27.84 8.23 -12.21
O6 NAG E . -25.97 7.65 -13.91
O7 NAG E . -29.74 12.14 -11.97
C1 NAG E . -29.70 6.42 -16.31
C2 NAG E . -28.63 7.18 -17.14
C3 NAG E . -29.01 7.12 -18.61
C4 NAG E . -29.01 5.67 -19.08
C5 NAG E . -29.89 4.78 -18.17
C6 NAG E . -29.49 3.32 -18.34
C7 NAG E . -28.91 9.73 -16.86
C8 NAG E . -30.21 9.84 -17.62
N2 NAG E . -28.30 8.55 -16.69
O3 NAG E . -28.10 7.87 -19.39
O4 NAG E . -29.46 5.61 -20.42
O5 NAG E . -29.78 5.08 -16.78
O6 NAG E . -30.21 2.70 -19.38
O7 NAG E . -28.43 10.76 -16.39
C1 NAG F . -17.05 -1.20 -18.15
C2 NAG F . -17.29 -2.70 -17.89
C3 NAG F . -18.73 -3.03 -17.51
C4 NAG F . -19.51 -1.86 -16.89
C5 NAG F . -19.34 -0.55 -17.68
C6 NAG F . -19.25 0.66 -16.73
C7 NAG F . -17.22 -3.79 -20.24
C8 NAG F . -18.27 -2.93 -20.91
N2 NAG F . -16.83 -3.58 -18.96
O3 NAG F . -18.72 -4.12 -16.61
O4 NAG F . -20.88 -2.22 -16.85
O5 NAG F . -18.25 -0.58 -18.58
O6 NAG F . -19.02 1.83 -17.47
O7 NAG F . -16.68 -4.69 -20.92
C1 NAG F . -21.40 -2.18 -15.50
C2 NAG F . -22.91 -1.93 -15.56
C3 NAG F . -23.63 -2.64 -14.41
C4 NAG F . -23.37 -4.14 -14.50
C5 NAG F . -21.88 -4.47 -14.64
C6 NAG F . -21.61 -5.43 -15.80
C7 NAG F . -23.64 0.12 -16.67
C8 NAG F . -23.91 1.59 -16.53
N2 NAG F . -23.20 -0.51 -15.58
O3 NAG F . -25.02 -2.36 -14.46
O4 NAG F . -23.89 -4.81 -13.37
O5 NAG F . -21.03 -3.31 -14.71
O6 NAG F . -20.93 -6.57 -15.32
O7 NAG F . -23.82 -0.44 -17.76
C1 EDO G . 9.75 -6.42 -25.81
O1 EDO G . 10.79 -6.36 -26.79
C2 EDO G . 8.98 -5.11 -25.82
O2 EDO G . 9.29 -4.31 -24.66
C1 EDO H . 2.84 -11.11 2.86
O1 EDO H . 3.06 -12.30 3.63
C2 EDO H . 3.21 -9.91 3.72
O2 EDO H . 2.03 -9.15 4.01
#